data_4LAZ
#
_entry.id   4LAZ
#
_cell.length_a   49.309
_cell.length_b   66.975
_cell.length_c   47.336
_cell.angle_alpha   90.00
_cell.angle_beta   92.34
_cell.angle_gamma   90.00
#
_symmetry.space_group_name_H-M   'P 1 21 1'
#
loop_
_entity.id
_entity.type
_entity.pdbx_description
1 polymer 'Aldose reductase'
2 non-polymer 'NADP NICOTINAMIDE-ADENINE-DINUCLEOTIDE PHOSPHATE'
3 non-polymer '{5-chloro-2-[(4-iodobenzyl)carbamoyl]phenoxy}acetic acid'
4 water water
#
_entity_poly.entity_id   1
_entity_poly.type   'polypeptide(L)'
_entity_poly.pdbx_seq_one_letter_code
;MASRILLNNGAKMPILGLGTWKSPPGQVTEAVKVAIDVGYRHIDCAHVYQNENEVGVAIQEKLREQVVKREELFIVSKLW
CTYHEKGLVKGACQKTLSDLKLDYLDLYLIHWPTGFKPGKEFFPLDESGNVVPSDTNILDTWAAMEELVDEGLVKAIGIS
NFNHLQVEMILNKPGLKYKPAVNQIECHPYLTQEKLIQYCQSKGIVVTAYSPLGSPDRPWAKPEDPSLLEDPRIKAIAAK
HNKTTAQVLIRFPMQRNLVVIPKSVTPERIAENFKVFDFELSSQDMTTLLSYNRNWRVCALLSCTSHKDYPFHEEF
;
_entity_poly.pdbx_strand_id   A
#
loop_
_chem_comp.id
_chem_comp.type
_chem_comp.name
_chem_comp.formula
1WW non-polymer '{5-chloro-2-[(4-iodobenzyl)carbamoyl]phenoxy}acetic acid' 'C16 H13 Cl I N O4'
NAP non-polymer 'NADP NICOTINAMIDE-ADENINE-DINUCLEOTIDE PHOSPHATE' 'C21 H28 N7 O17 P3'
#
# COMPACT_ATOMS: atom_id res chain seq x y z
N MET A 1 12.85 17.99 2.22
CA MET A 1 12.56 16.89 1.32
C MET A 1 11.26 17.14 0.55
N ALA A 2 11.30 16.89 -0.76
CA ALA A 2 10.14 17.10 -1.63
C ALA A 2 8.94 16.23 -1.25
N SER A 3 7.74 16.69 -1.59
CA SER A 3 6.51 15.99 -1.19
C SER A 3 6.08 14.87 -2.13
N ARG A 4 6.62 14.85 -3.35
CA ARG A 4 6.29 13.82 -4.33
C ARG A 4 7.55 13.16 -4.87
N ILE A 5 7.38 11.93 -5.33
CA ILE A 5 8.45 11.14 -5.93
C ILE A 5 8.07 10.81 -7.38
N LEU A 6 9.05 10.87 -8.27
CA LEU A 6 8.83 10.59 -9.67
C LEU A 6 8.77 9.09 -9.96
N LEU A 7 7.67 8.67 -10.59
CA LEU A 7 7.50 7.28 -11.01
C LEU A 7 8.03 7.06 -12.42
N ASN A 8 8.26 5.79 -12.74
CA ASN A 8 8.76 5.40 -14.05
C ASN A 8 7.71 5.46 -15.17
N ASN A 9 6.51 5.94 -14.87
CA ASN A 9 5.54 6.31 -15.91
C ASN A 9 5.55 7.81 -16.18
N GLY A 10 6.44 8.55 -15.51
CA GLY A 10 6.55 9.98 -15.70
C GLY A 10 5.66 10.84 -14.83
N ALA A 11 4.82 10.22 -13.99
CA ALA A 11 3.95 10.95 -13.07
C ALA A 11 4.59 11.04 -11.69
N LYS A 12 4.13 12.02 -10.90
CA LYS A 12 4.61 12.21 -9.54
C LYS A 12 3.60 11.70 -8.52
N MET A 13 4.11 11.03 -7.49
CA MET A 13 3.29 10.39 -6.47
C MET A 13 3.60 11.00 -5.10
N PRO A 14 2.58 11.46 -4.36
CA PRO A 14 2.84 11.98 -3.00
C PRO A 14 3.40 10.90 -2.09
N ILE A 15 4.48 11.26 -1.38
CA ILE A 15 5.16 10.29 -0.54
C ILE A 15 4.42 9.96 0.74
N LEU A 16 3.42 10.76 1.10
CA LEU A 16 2.58 10.45 2.23
C LEU A 16 1.14 10.27 1.72
N GLY A 17 0.53 9.15 2.10
CA GLY A 17 -0.87 8.90 1.81
C GLY A 17 -1.61 8.39 3.03
N LEU A 18 -2.95 8.39 2.91
CA LEU A 18 -3.83 7.88 3.96
C LEU A 18 -4.23 6.45 3.66
N GLY A 19 -3.95 5.54 4.59
CA GLY A 19 -4.43 4.18 4.51
C GLY A 19 -5.90 4.06 4.92
N THR A 20 -6.58 3.05 4.37
CA THR A 20 -8.01 2.87 4.60
C THR A 20 -8.43 1.43 4.97
N TRP A 21 -7.49 0.50 5.09
CA TRP A 21 -7.86 -0.84 5.56
C TRP A 21 -8.30 -0.76 7.03
N LYS A 22 -9.48 -1.31 7.31
CA LYS A 22 -10.08 -1.36 8.65
C LYS A 22 -10.78 -0.06 9.03
N SER A 23 -10.72 0.96 8.18
CA SER A 23 -11.43 2.20 8.48
C SER A 23 -12.93 1.94 8.36
N PRO A 24 -13.68 2.07 9.46
CA PRO A 24 -15.09 1.66 9.37
C PRO A 24 -15.85 2.52 8.37
N PRO A 25 -16.83 1.92 7.68
CA PRO A 25 -17.54 2.67 6.64
C PRO A 25 -18.25 3.91 7.18
N GLY A 26 -18.66 3.89 8.45
CA GLY A 26 -19.30 5.04 9.05
C GLY A 26 -18.35 6.13 9.56
N GLN A 27 -17.05 5.88 9.43
CA GLN A 27 -16.02 6.84 9.83
C GLN A 27 -15.07 7.26 8.71
N VAL A 28 -14.98 6.47 7.65
CA VAL A 28 -13.95 6.71 6.65
C VAL A 28 -14.26 7.91 5.76
N THR A 29 -15.53 8.25 5.56
CA THR A 29 -15.85 9.43 4.77
C THR A 29 -15.30 10.68 5.46
N GLU A 30 -15.57 10.82 6.75
CA GLU A 30 -15.01 11.96 7.47
C GLU A 30 -13.48 11.89 7.54
N ALA A 31 -12.91 10.70 7.68
CA ALA A 31 -11.46 10.58 7.73
C ALA A 31 -10.81 11.13 6.46
N VAL A 32 -11.36 10.75 5.31
CA VAL A 32 -10.81 11.19 4.05
C VAL A 32 -11.05 12.70 3.83
N LYS A 33 -12.22 13.18 4.21
CA LYS A 33 -12.49 14.63 4.14
C LYS A 33 -11.47 15.42 4.97
N VAL A 34 -11.27 15.00 6.21
CA VAL A 34 -10.30 15.65 7.09
C VAL A 34 -8.90 15.57 6.47
N ALA A 35 -8.52 14.38 6.00
CA ALA A 35 -7.21 14.20 5.41
C ALA A 35 -6.98 15.21 4.28
N ILE A 36 -7.93 15.30 3.36
CA ILE A 36 -7.76 16.23 2.24
C ILE A 36 -7.71 17.68 2.76
N ASP A 37 -8.55 18.01 3.73
CA ASP A 37 -8.52 19.36 4.30
C ASP A 37 -7.17 19.74 4.90
N VAL A 38 -6.47 18.77 5.50
CA VAL A 38 -5.21 19.06 6.18
C VAL A 38 -3.96 18.80 5.32
N GLY A 39 -4.17 18.40 4.06
CA GLY A 39 -3.08 18.37 3.11
C GLY A 39 -2.83 17.06 2.39
N TYR A 40 -3.45 15.96 2.82
CA TYR A 40 -3.20 14.71 2.11
C TYR A 40 -3.72 14.80 0.68
N ARG A 41 -2.94 14.23 -0.23
CA ARG A 41 -3.30 14.22 -1.64
C ARG A 41 -3.22 12.82 -2.24
N HIS A 42 -3.04 11.81 -1.39
CA HIS A 42 -2.86 10.42 -1.80
C HIS A 42 -3.69 9.58 -0.83
N ILE A 43 -4.58 8.75 -1.38
CA ILE A 43 -5.38 7.83 -0.58
C ILE A 43 -5.14 6.42 -1.10
N ASP A 44 -4.85 5.49 -0.19
CA ASP A 44 -4.63 4.08 -0.53
C ASP A 44 -5.90 3.30 -0.22
N CYS A 45 -6.43 2.63 -1.25
CA CYS A 45 -7.72 1.96 -1.22
C CYS A 45 -7.58 0.50 -1.67
N ALA A 46 -8.65 -0.26 -1.49
CA ALA A 46 -8.74 -1.57 -2.14
C ALA A 46 -10.17 -2.06 -2.12
N HIS A 47 -10.57 -2.78 -3.17
CA HIS A 47 -11.88 -3.40 -3.20
C HIS A 47 -12.13 -4.30 -1.99
N VAL A 48 -11.12 -5.07 -1.60
CA VAL A 48 -11.29 -6.04 -0.52
C VAL A 48 -11.54 -5.35 0.83
N TYR A 49 -11.20 -4.06 0.95
CA TYR A 49 -11.43 -3.34 2.21
C TYR A 49 -12.91 -3.05 2.46
N GLN A 50 -13.75 -3.16 1.41
CA GLN A 50 -15.21 -3.07 1.50
C GLN A 50 -15.72 -1.67 1.87
N ASN A 51 -14.90 -0.64 1.67
CA ASN A 51 -15.28 0.72 2.01
C ASN A 51 -14.98 1.72 0.90
N GLU A 52 -14.77 1.25 -0.33
CA GLU A 52 -14.47 2.19 -1.40
C GLU A 52 -15.63 3.14 -1.70
N ASN A 53 -16.88 2.71 -1.58
CA ASN A 53 -17.99 3.61 -1.81
CA ASN A 53 -18.00 3.61 -1.81
C ASN A 53 -17.90 4.84 -0.89
N GLU A 54 -17.63 4.59 0.38
CA GLU A 54 -17.56 5.63 1.39
C GLU A 54 -16.31 6.51 1.25
N VAL A 55 -15.19 5.91 0.87
CA VAL A 55 -14.01 6.70 0.51
C VAL A 55 -14.37 7.64 -0.66
N GLY A 56 -15.05 7.08 -1.65
CA GLY A 56 -15.43 7.85 -2.83
C GLY A 56 -16.35 9.01 -2.51
N VAL A 57 -17.28 8.84 -1.58
CA VAL A 57 -18.14 9.95 -1.19
C VAL A 57 -17.30 11.16 -0.75
N ALA A 58 -16.26 10.90 0.04
CA ALA A 58 -15.38 11.96 0.51
C ALA A 58 -14.61 12.62 -0.64
N ILE A 59 -14.02 11.80 -1.50
CA ILE A 59 -13.25 12.33 -2.62
C ILE A 59 -14.17 13.22 -3.48
N GLN A 60 -15.34 12.71 -3.81
CA GLN A 60 -16.27 13.44 -4.67
C GLN A 60 -16.70 14.75 -4.04
N GLU A 61 -16.96 14.75 -2.73
CA GLU A 61 -17.37 15.98 -2.07
C GLU A 61 -16.26 17.02 -2.10
N LYS A 62 -15.01 16.60 -1.89
CA LYS A 62 -13.92 17.54 -1.89
C LYS A 62 -13.62 18.08 -3.31
N LEU A 63 -13.81 17.24 -4.33
CA LEU A 63 -13.73 17.71 -5.71
C LEU A 63 -14.87 18.69 -6.01
N ARG A 64 -16.08 18.36 -5.60
CA ARG A 64 -17.21 19.23 -5.84
C ARG A 64 -17.07 20.58 -5.11
N GLU A 65 -16.57 20.55 -3.87
CA GLU A 65 -16.28 21.74 -3.09
C GLU A 65 -15.12 22.55 -3.66
N GLN A 66 -14.37 21.97 -4.59
CA GLN A 66 -13.16 22.60 -5.15
C GLN A 66 -12.12 22.89 -4.09
N VAL A 67 -12.03 21.98 -3.11
CA VAL A 67 -10.92 21.98 -2.16
C VAL A 67 -9.64 21.58 -2.86
N VAL A 68 -9.78 20.67 -3.82
CA VAL A 68 -8.68 20.15 -4.62
C VAL A 68 -9.20 19.88 -6.02
N LYS A 69 -8.29 19.84 -6.99
CA LYS A 69 -8.60 19.40 -8.35
C LYS A 69 -8.24 17.93 -8.50
N ARG A 70 -8.92 17.23 -9.42
CA ARG A 70 -8.65 15.81 -9.61
C ARG A 70 -7.18 15.55 -9.93
N GLU A 71 -6.57 16.41 -10.72
CA GLU A 71 -5.17 16.25 -11.11
C GLU A 71 -4.21 16.32 -9.92
N GLU A 72 -4.64 16.94 -8.83
CA GLU A 72 -3.83 17.08 -7.61
C GLU A 72 -3.97 15.88 -6.66
N LEU A 73 -4.93 15.00 -6.92
CA LEU A 73 -5.11 13.81 -6.11
C LEU A 73 -4.39 12.63 -6.77
N PHE A 74 -3.97 11.70 -5.92
CA PHE A 74 -3.30 10.47 -6.34
C PHE A 74 -4.03 9.32 -5.64
N ILE A 75 -4.94 8.69 -6.38
CA ILE A 75 -5.79 7.66 -5.80
C ILE A 75 -5.30 6.28 -6.28
N VAL A 76 -5.07 5.40 -5.29
CA VAL A 76 -4.53 4.08 -5.52
C VAL A 76 -5.59 3.03 -5.12
N SER A 77 -5.78 2.02 -5.96
CA SER A 77 -6.52 0.85 -5.52
C SER A 77 -5.82 -0.42 -6.01
N LYS A 78 -6.46 -1.56 -5.75
CA LYS A 78 -5.80 -2.84 -5.91
C LYS A 78 -6.81 -3.89 -6.38
N LEU A 79 -6.34 -4.72 -7.31
CA LEU A 79 -7.07 -5.85 -7.87
C LEU A 79 -7.02 -7.02 -6.89
N TRP A 80 -8.18 -7.47 -6.41
CA TRP A 80 -8.21 -8.54 -5.46
C TRP A 80 -7.91 -9.91 -6.12
N CYS A 81 -7.51 -10.87 -5.29
CA CYS A 81 -7.00 -12.17 -5.72
C CYS A 81 -8.00 -13.00 -6.52
N THR A 82 -9.29 -12.80 -6.27
CA THR A 82 -10.34 -13.56 -6.96
C THR A 82 -10.67 -12.98 -8.35
N TYR A 83 -9.89 -11.99 -8.80
CA TYR A 83 -10.12 -11.36 -10.10
C TYR A 83 -8.87 -11.45 -11.00
N HIS A 84 -7.98 -12.40 -10.75
CA HIS A 84 -6.79 -12.50 -11.58
C HIS A 84 -7.00 -12.90 -13.06
N GLU A 85 -8.19 -13.39 -13.40
CA GLU A 85 -8.46 -13.89 -14.75
C GLU A 85 -8.60 -12.79 -15.80
N LYS A 86 -8.14 -13.07 -17.02
CA LYS A 86 -8.21 -12.14 -18.14
C LYS A 86 -9.57 -11.45 -18.25
N GLY A 87 -10.64 -12.24 -18.16
CA GLY A 87 -11.98 -11.73 -18.37
C GLY A 87 -12.61 -11.01 -17.20
N LEU A 88 -11.90 -10.96 -16.06
CA LEU A 88 -12.43 -10.31 -14.86
C LEU A 88 -11.72 -9.01 -14.48
N VAL A 89 -10.51 -8.79 -14.99
CA VAL A 89 -9.69 -7.68 -14.52
C VAL A 89 -10.32 -6.32 -14.82
N LYS A 90 -10.83 -6.13 -16.04
CA LYS A 90 -11.39 -4.83 -16.39
C LYS A 90 -12.61 -4.51 -15.53
N GLY A 91 -13.50 -5.49 -15.36
CA GLY A 91 -14.69 -5.29 -14.54
C GLY A 91 -14.36 -4.99 -13.09
N ALA A 92 -13.32 -5.64 -12.56
CA ALA A 92 -12.89 -5.37 -11.19
C ALA A 92 -12.40 -3.92 -11.06
N CYS A 93 -11.61 -3.48 -12.03
CA CYS A 93 -11.12 -2.12 -12.03
C CYS A 93 -12.31 -1.14 -12.14
N GLN A 94 -13.24 -1.44 -13.05
CA GLN A 94 -14.40 -0.57 -13.26
CA GLN A 94 -14.39 -0.57 -13.26
C GLN A 94 -15.31 -0.48 -12.03
N LYS A 95 -15.45 -1.59 -11.30
CA LYS A 95 -16.25 -1.56 -10.06
C LYS A 95 -15.60 -0.62 -9.04
N THR A 96 -14.28 -0.73 -8.90
CA THR A 96 -13.53 0.19 -8.05
C THR A 96 -13.70 1.64 -8.50
N LEU A 97 -13.57 1.91 -9.81
CA LEU A 97 -13.76 3.26 -10.31
C LEU A 97 -15.17 3.78 -10.00
N SER A 98 -16.17 2.92 -10.21
CA SER A 98 -17.55 3.32 -9.96
C SER A 98 -17.77 3.64 -8.47
N ASP A 99 -17.23 2.80 -7.60
CA ASP A 99 -17.37 3.01 -6.16
C ASP A 99 -16.63 4.27 -5.69
N LEU A 100 -15.43 4.49 -6.21
CA LEU A 100 -14.64 5.65 -5.82
C LEU A 100 -15.14 6.94 -6.52
N LYS A 101 -16.05 6.76 -7.49
CA LYS A 101 -16.63 7.85 -8.29
C LYS A 101 -15.56 8.61 -9.09
N LEU A 102 -14.68 7.82 -9.68
CA LEU A 102 -13.59 8.31 -10.49
C LEU A 102 -13.69 7.81 -11.92
N ASP A 103 -13.08 8.57 -12.83
CA ASP A 103 -12.90 8.09 -14.22
C ASP A 103 -11.54 7.48 -14.51
N TYR A 104 -10.61 7.59 -13.59
CA TYR A 104 -9.33 6.88 -13.70
C TYR A 104 -8.74 6.74 -12.31
N LEU A 105 -7.87 5.76 -12.14
CA LEU A 105 -7.02 5.64 -10.98
C LEU A 105 -5.62 6.15 -11.32
N ASP A 106 -4.95 6.77 -10.36
CA ASP A 106 -3.56 7.12 -10.57
C ASP A 106 -2.64 5.89 -10.56
N LEU A 107 -3.00 4.89 -9.78
CA LEU A 107 -2.20 3.68 -9.66
C LEU A 107 -3.11 2.52 -9.30
N TYR A 108 -2.94 1.41 -10.01
CA TYR A 108 -3.69 0.19 -9.73
C TYR A 108 -2.69 -0.94 -9.54
N LEU A 109 -2.82 -1.64 -8.41
CA LEU A 109 -1.87 -2.66 -8.03
C LEU A 109 -2.47 -4.05 -8.08
N ILE A 110 -1.65 -5.04 -8.45
CA ILE A 110 -2.01 -6.44 -8.15
C ILE A 110 -1.82 -6.61 -6.63
N HIS A 111 -2.92 -6.84 -5.91
CA HIS A 111 -2.89 -6.75 -4.44
C HIS A 111 -1.95 -7.79 -3.81
N TRP A 112 -2.01 -9.02 -4.30
CA TRP A 112 -1.14 -10.11 -3.89
C TRP A 112 -0.80 -10.91 -5.14
N PRO A 113 0.38 -11.58 -5.15
CA PRO A 113 0.75 -12.32 -6.36
C PRO A 113 -0.11 -13.57 -6.62
N THR A 114 -0.88 -13.99 -5.64
CA THR A 114 -1.68 -15.21 -5.70
C THR A 114 -3.08 -14.98 -6.27
N GLY A 115 -3.45 -15.74 -7.31
CA GLY A 115 -4.82 -15.76 -7.78
C GLY A 115 -5.63 -16.83 -7.06
N PHE A 116 -6.87 -16.49 -6.73
CA PHE A 116 -7.81 -17.41 -6.07
C PHE A 116 -9.00 -17.67 -6.99
N LYS A 117 -9.69 -18.78 -6.75
CA LYS A 117 -10.90 -19.10 -7.48
C LYS A 117 -11.90 -17.94 -7.49
N PRO A 118 -12.38 -17.52 -8.68
CA PRO A 118 -13.39 -16.46 -8.70
C PRO A 118 -14.70 -16.86 -8.08
N GLY A 119 -15.43 -15.87 -7.59
CA GLY A 119 -16.70 -16.09 -6.94
C GLY A 119 -16.97 -14.99 -5.94
N LYS A 120 -18.04 -15.15 -5.16
CA LYS A 120 -18.43 -14.12 -4.21
C LYS A 120 -17.45 -13.99 -3.05
N GLU A 121 -16.89 -15.11 -2.62
CA GLU A 121 -16.00 -15.14 -1.46
C GLU A 121 -14.62 -14.60 -1.79
N PHE A 122 -14.12 -13.69 -0.95
CA PHE A 122 -12.79 -13.14 -1.15
C PHE A 122 -11.67 -14.15 -0.82
N PHE A 123 -11.95 -15.10 0.07
CA PHE A 123 -11.01 -16.14 0.43
C PHE A 123 -11.71 -17.50 0.30
N PRO A 124 -11.87 -17.99 -0.94
CA PRO A 124 -12.54 -19.29 -1.11
C PRO A 124 -11.67 -20.38 -0.54
N LEU A 125 -12.23 -21.20 0.35
CA LEU A 125 -11.47 -22.26 0.99
C LEU A 125 -12.01 -23.63 0.61
N ASP A 126 -11.13 -24.62 0.61
CA ASP A 126 -11.57 -26.00 0.53
C ASP A 126 -12.06 -26.47 1.92
N GLU A 127 -12.55 -27.69 2.04
CA GLU A 127 -13.12 -28.12 3.33
C GLU A 127 -12.10 -28.24 4.46
N SER A 128 -10.82 -28.23 4.12
CA SER A 128 -9.76 -28.31 5.14
C SER A 128 -9.13 -26.96 5.42
N GLY A 129 -9.69 -25.92 4.83
CA GLY A 129 -9.27 -24.58 5.17
C GLY A 129 -8.15 -23.99 4.33
N ASN A 130 -7.74 -24.69 3.27
CA ASN A 130 -6.76 -24.14 2.34
C ASN A 130 -7.43 -23.24 1.31
N VAL A 131 -6.78 -22.13 0.96
CA VAL A 131 -7.33 -21.30 -0.10
C VAL A 131 -7.36 -22.09 -1.41
N VAL A 132 -8.39 -21.86 -2.21
CA VAL A 132 -8.52 -22.52 -3.51
C VAL A 132 -7.88 -21.62 -4.57
N PRO A 133 -6.76 -22.08 -5.17
CA PRO A 133 -6.09 -21.24 -6.17
C PRO A 133 -6.85 -21.13 -7.48
N SER A 134 -6.49 -20.10 -8.24
CA SER A 134 -6.72 -20.11 -9.67
C SER A 134 -5.43 -20.47 -10.39
N ASP A 135 -5.56 -21.06 -11.58
CA ASP A 135 -4.40 -21.43 -12.39
C ASP A 135 -3.75 -20.27 -13.15
N THR A 136 -4.25 -19.07 -12.94
CA THR A 136 -3.65 -17.88 -13.45
C THR A 136 -2.23 -17.69 -12.92
N ASN A 137 -1.38 -17.08 -13.72
CA ASN A 137 -0.05 -16.73 -13.26
C ASN A 137 0.15 -15.23 -13.26
N ILE A 138 1.22 -14.79 -12.63
CA ILE A 138 1.44 -13.36 -12.46
C ILE A 138 1.70 -12.66 -13.79
N LEU A 139 2.25 -13.39 -14.76
CA LEU A 139 2.57 -12.77 -16.05
C LEU A 139 1.33 -12.44 -16.87
N ASP A 140 0.38 -13.37 -16.92
CA ASP A 140 -0.86 -13.11 -17.63
C ASP A 140 -1.70 -12.06 -16.90
N THR A 141 -1.68 -12.08 -15.57
CA THR A 141 -2.36 -11.02 -14.82
C THR A 141 -1.73 -9.66 -15.14
N TRP A 142 -0.40 -9.63 -15.23
CA TRP A 142 0.27 -8.38 -15.60
C TRP A 142 -0.15 -7.87 -16.98
N ALA A 143 -0.26 -8.77 -17.97
CA ALA A 143 -0.71 -8.35 -19.28
C ALA A 143 -2.10 -7.72 -19.22
N ALA A 144 -2.96 -8.26 -18.36
CA ALA A 144 -4.29 -7.69 -18.17
C ALA A 144 -4.23 -6.29 -17.56
N MET A 145 -3.29 -6.10 -16.62
CA MET A 145 -3.07 -4.77 -16.04
C MET A 145 -2.60 -3.77 -17.11
N GLU A 146 -1.69 -4.22 -17.98
CA GLU A 146 -1.20 -3.36 -19.05
C GLU A 146 -2.34 -2.85 -19.95
N GLU A 147 -3.32 -3.72 -20.20
CA GLU A 147 -4.47 -3.32 -21.00
C GLU A 147 -5.22 -2.16 -20.36
N LEU A 148 -5.28 -2.11 -19.02
CA LEU A 148 -5.98 -1.03 -18.35
C LEU A 148 -5.34 0.34 -18.62
N VAL A 149 -4.01 0.38 -18.68
CA VAL A 149 -3.30 1.59 -19.06
C VAL A 149 -3.71 1.99 -20.48
N ASP A 150 -3.71 1.01 -21.38
CA ASP A 150 -4.00 1.27 -22.77
C ASP A 150 -5.46 1.60 -23.06
N GLU A 151 -6.33 1.40 -22.07
CA GLU A 151 -7.74 1.76 -22.19
C GLU A 151 -8.08 3.03 -21.43
N GLY A 152 -7.09 3.63 -20.76
CA GLY A 152 -7.31 4.89 -20.07
C GLY A 152 -7.93 4.78 -18.69
N LEU A 153 -8.10 3.57 -18.16
CA LEU A 153 -8.72 3.41 -16.84
C LEU A 153 -7.75 3.74 -15.70
N VAL A 154 -6.46 3.56 -15.94
CA VAL A 154 -5.46 3.77 -14.90
C VAL A 154 -4.24 4.46 -15.53
N LYS A 155 -3.59 5.34 -14.77
CA LYS A 155 -2.39 6.04 -15.25
C LYS A 155 -1.11 5.25 -15.03
N ALA A 156 -1.10 4.40 -14.02
CA ALA A 156 0.06 3.59 -13.67
C ALA A 156 -0.44 2.27 -13.11
N ILE A 157 0.40 1.25 -13.29
CA ILE A 157 0.16 -0.06 -12.72
C ILE A 157 1.36 -0.50 -11.90
N GLY A 158 1.08 -1.34 -10.91
CA GLY A 158 2.13 -1.86 -10.05
C GLY A 158 1.69 -3.13 -9.36
N ILE A 159 2.50 -3.51 -8.38
CA ILE A 159 2.39 -4.79 -7.70
C ILE A 159 2.45 -4.56 -6.20
N SER A 160 2.04 -5.58 -5.44
CA SER A 160 2.04 -5.48 -3.98
C SER A 160 2.30 -6.86 -3.41
N ASN A 161 3.17 -6.90 -2.40
CA ASN A 161 3.55 -8.16 -1.76
C ASN A 161 4.24 -9.14 -2.72
N PHE A 162 4.92 -8.59 -3.72
CA PHE A 162 5.74 -9.43 -4.60
C PHE A 162 7.13 -9.53 -3.99
N ASN A 163 7.63 -10.76 -3.90
CA ASN A 163 8.98 -11.00 -3.43
C ASN A 163 10.00 -10.75 -4.53
N HIS A 164 11.28 -10.83 -4.21
CA HIS A 164 12.28 -10.44 -5.20
C HIS A 164 12.22 -11.29 -6.46
N LEU A 165 12.02 -12.60 -6.32
CA LEU A 165 11.90 -13.44 -7.50
C LEU A 165 10.67 -13.09 -8.34
N GLN A 166 9.58 -12.71 -7.68
CA GLN A 166 8.36 -12.35 -8.39
C GLN A 166 8.49 -11.01 -9.12
N VAL A 167 9.14 -10.04 -8.48
CA VAL A 167 9.44 -8.79 -9.16
C VAL A 167 10.31 -9.06 -10.39
N GLU A 168 11.34 -9.89 -10.21
CA GLU A 168 12.22 -10.26 -11.31
C GLU A 168 11.44 -10.94 -12.45
N MET A 169 10.48 -11.79 -12.09
CA MET A 169 9.67 -12.47 -13.09
CA MET A 169 9.66 -12.47 -13.09
C MET A 169 8.88 -11.47 -13.95
N ILE A 170 8.32 -10.45 -13.32
CA ILE A 170 7.62 -9.42 -14.06
C ILE A 170 8.60 -8.65 -14.95
N LEU A 171 9.73 -8.25 -14.40
CA LEU A 171 10.70 -7.48 -15.18
C LEU A 171 11.24 -8.27 -16.37
N ASN A 172 11.30 -9.59 -16.22
CA ASN A 172 11.79 -10.47 -17.28
C ASN A 172 10.67 -11.03 -18.17
N LYS A 173 9.45 -10.53 -18.01
CA LYS A 173 8.33 -11.04 -18.79
C LYS A 173 8.56 -10.88 -20.29
N PRO A 174 8.41 -11.96 -21.07
CA PRO A 174 8.51 -11.80 -22.51
C PRO A 174 7.49 -10.78 -23.02
N GLY A 175 7.94 -9.82 -23.81
CA GLY A 175 7.05 -8.83 -24.37
C GLY A 175 6.52 -7.80 -23.39
N LEU A 176 7.17 -7.64 -22.23
CA LEU A 176 6.78 -6.66 -21.23
C LEU A 176 6.54 -5.31 -21.88
N LYS A 177 5.37 -4.71 -21.61
CA LYS A 177 5.03 -3.42 -22.20
C LYS A 177 5.23 -2.25 -21.24
N TYR A 178 4.79 -2.42 -19.99
CA TYR A 178 4.99 -1.42 -18.96
C TYR A 178 5.61 -2.08 -17.73
N LYS A 179 6.71 -1.51 -17.25
CA LYS A 179 7.27 -1.96 -15.98
C LYS A 179 6.32 -1.60 -14.84
N PRO A 180 6.34 -2.37 -13.75
CA PRO A 180 5.60 -1.93 -12.56
C PRO A 180 6.18 -0.60 -12.06
N ALA A 181 5.29 0.32 -11.69
CA ALA A 181 5.72 1.62 -11.18
C ALA A 181 6.08 1.55 -9.69
N VAL A 182 5.41 0.65 -8.98
CA VAL A 182 5.44 0.57 -7.51
C VAL A 182 5.36 -0.90 -7.10
N ASN A 183 6.08 -1.24 -6.02
CA ASN A 183 5.80 -2.45 -5.25
C ASN A 183 5.47 -2.00 -3.83
N GLN A 184 4.24 -2.27 -3.40
CA GLN A 184 3.76 -1.90 -2.08
C GLN A 184 3.94 -3.10 -1.14
N ILE A 185 4.74 -2.93 -0.09
CA ILE A 185 5.12 -4.02 0.80
C ILE A 185 5.08 -3.55 2.25
N GLU A 186 4.97 -4.51 3.16
CA GLU A 186 5.04 -4.21 4.58
C GLU A 186 6.44 -3.71 4.92
N CYS A 187 6.55 -2.62 5.67
CA CYS A 187 7.88 -2.14 6.03
C CYS A 187 7.80 -1.22 7.24
N HIS A 188 8.64 -1.50 8.23
CA HIS A 188 8.69 -0.75 9.48
C HIS A 188 9.96 -1.21 10.21
N PRO A 189 10.28 -0.61 11.39
CA PRO A 189 11.56 -0.99 12.03
C PRO A 189 11.68 -2.47 12.42
N TYR A 190 10.59 -3.22 12.54
CA TYR A 190 10.71 -4.63 12.85
C TYR A 190 10.77 -5.55 11.61
N LEU A 191 10.57 -4.96 10.43
CA LEU A 191 10.62 -5.66 9.14
C LEU A 191 11.16 -4.64 8.14
N THR A 192 12.48 -4.47 8.14
CA THR A 192 13.09 -3.35 7.47
C THR A 192 13.28 -3.51 5.96
N GLN A 193 13.27 -4.75 5.48
CA GLN A 193 13.18 -5.00 4.03
C GLN A 193 14.36 -4.48 3.22
N GLU A 194 15.56 -4.42 3.79
CA GLU A 194 16.69 -3.85 3.06
CA GLU A 194 16.66 -3.82 3.06
C GLU A 194 16.92 -4.51 1.71
N LYS A 195 16.86 -5.84 1.69
CA LYS A 195 17.16 -6.57 0.46
C LYS A 195 16.16 -6.26 -0.64
N LEU A 196 14.88 -6.39 -0.36
CA LEU A 196 13.86 -6.20 -1.39
C LEU A 196 13.79 -4.73 -1.85
N ILE A 197 13.94 -3.81 -0.91
CA ILE A 197 13.93 -2.40 -1.25
C ILE A 197 15.08 -2.04 -2.18
N GLN A 198 16.30 -2.51 -1.86
CA GLN A 198 17.44 -2.20 -2.71
C GLN A 198 17.22 -2.76 -4.12
N TYR A 199 16.70 -3.98 -4.22
CA TYR A 199 16.45 -4.54 -5.53
C TYR A 199 15.46 -3.70 -6.33
N CYS A 200 14.31 -3.41 -5.72
CA CYS A 200 13.29 -2.63 -6.41
C CYS A 200 13.80 -1.26 -6.82
N GLN A 201 14.43 -0.55 -5.88
CA GLN A 201 14.94 0.78 -6.18
C GLN A 201 15.98 0.74 -7.30
N SER A 202 16.80 -0.29 -7.32
CA SER A 202 17.83 -0.42 -8.36
C SER A 202 17.22 -0.58 -9.75
N LYS A 203 15.96 -1.02 -9.81
CA LYS A 203 15.25 -1.22 -11.07
C LYS A 203 14.30 -0.07 -11.39
N GLY A 204 14.31 0.97 -10.57
CA GLY A 204 13.47 2.14 -10.80
C GLY A 204 12.04 1.99 -10.34
N ILE A 205 11.76 0.95 -9.57
CA ILE A 205 10.44 0.72 -8.98
C ILE A 205 10.39 1.44 -7.64
N VAL A 206 9.37 2.26 -7.44
CA VAL A 206 9.19 2.94 -6.16
C VAL A 206 8.53 2.00 -5.17
N VAL A 207 9.04 1.98 -3.95
CA VAL A 207 8.47 1.14 -2.92
C VAL A 207 7.57 1.97 -2.01
N THR A 208 6.35 1.45 -1.78
CA THR A 208 5.46 1.99 -0.76
C THR A 208 5.46 1.07 0.46
N ALA A 209 5.68 1.67 1.63
CA ALA A 209 5.66 0.98 2.93
C ALA A 209 4.26 1.00 3.53
N TYR A 210 3.69 -0.19 3.69
CA TYR A 210 2.44 -0.33 4.40
C TYR A 210 2.65 -0.82 5.84
N SER A 211 1.60 -0.69 6.64
CA SER A 211 1.65 -0.95 8.07
C SER A 211 2.86 -0.30 8.76
N PRO A 212 3.12 1.00 8.49
CA PRO A 212 4.33 1.61 9.03
C PRO A 212 4.31 1.76 10.56
N LEU A 213 3.13 1.70 11.16
CA LEU A 213 3.00 1.77 12.61
C LEU A 213 2.85 0.38 13.24
N GLY A 214 3.00 -0.65 12.43
CA GLY A 214 2.85 -2.01 12.91
C GLY A 214 1.41 -2.49 13.00
N SER A 215 0.49 -1.77 12.36
CA SER A 215 -0.91 -2.19 12.30
C SER A 215 -1.47 -2.67 13.64
N PRO A 216 -1.47 -1.80 14.67
CA PRO A 216 -1.94 -2.27 15.99
C PRO A 216 -3.40 -2.74 16.00
N ASP A 217 -4.19 -2.33 15.01
CA ASP A 217 -5.58 -2.72 14.88
C ASP A 217 -5.82 -3.94 13.98
N ARG A 218 -4.77 -4.58 13.50
CA ARG A 218 -4.94 -5.79 12.70
C ARG A 218 -5.80 -6.79 13.49
N PRO A 219 -6.76 -7.47 12.84
CA PRO A 219 -7.71 -8.28 13.64
C PRO A 219 -7.11 -9.52 14.30
N TRP A 220 -5.92 -9.93 13.87
CA TRP A 220 -5.24 -11.10 14.42
C TRP A 220 -4.13 -10.74 15.42
N ALA A 221 -4.10 -9.50 15.86
CA ALA A 221 -3.13 -9.08 16.87
C ALA A 221 -3.29 -9.93 18.13
N LYS A 222 -2.17 -10.36 18.70
CA LYS A 222 -2.17 -11.05 19.97
C LYS A 222 -1.64 -10.08 21.01
N PRO A 223 -2.10 -10.21 22.27
CA PRO A 223 -1.65 -9.31 23.33
C PRO A 223 -0.14 -9.30 23.54
N GLU A 224 0.55 -10.32 23.04
CA GLU A 224 1.98 -10.47 23.31
C GLU A 224 2.92 -9.91 22.22
N ASP A 225 2.41 -9.74 21.00
CA ASP A 225 3.21 -9.27 19.87
C ASP A 225 4.03 -8.00 20.17
N PRO A 226 5.15 -7.79 19.45
CA PRO A 226 5.91 -6.55 19.65
C PRO A 226 5.11 -5.32 19.20
N SER A 227 5.37 -4.18 19.83
CA SER A 227 4.61 -2.95 19.58
C SER A 227 5.53 -1.78 19.26
N LEU A 228 5.56 -1.36 18.01
CA LEU A 228 6.38 -0.22 17.59
C LEU A 228 6.03 1.04 18.34
N LEU A 229 4.74 1.32 18.45
CA LEU A 229 4.30 2.57 19.06
C LEU A 229 4.67 2.66 20.54
N GLU A 230 4.88 1.51 21.17
CA GLU A 230 5.22 1.47 22.58
C GLU A 230 6.70 1.15 22.84
N ASP A 231 7.50 1.02 21.79
CA ASP A 231 8.92 0.64 21.94
C ASP A 231 9.67 1.81 22.57
N PRO A 232 10.25 1.62 23.78
CA PRO A 232 10.87 2.78 24.43
C PRO A 232 12.07 3.34 23.65
N ARG A 233 12.71 2.52 22.83
CA ARG A 233 13.84 2.97 22.04
C ARG A 233 13.40 3.96 20.96
N ILE A 234 12.24 3.69 20.36
CA ILE A 234 11.68 4.58 19.34
C ILE A 234 11.08 5.82 20.00
N LYS A 235 10.42 5.62 21.14
CA LYS A 235 9.94 6.75 21.94
C LYS A 235 11.07 7.73 22.27
N ALA A 236 12.26 7.20 22.57
CA ALA A 236 13.40 8.06 22.91
C ALA A 236 13.85 8.91 21.72
N ILE A 237 13.88 8.33 20.53
CA ILE A 237 14.22 9.09 19.34
C ILE A 237 13.18 10.18 19.10
N ALA A 238 11.91 9.83 19.26
CA ALA A 238 10.83 10.80 19.13
C ALA A 238 10.98 11.95 20.12
N ALA A 239 11.25 11.62 21.39
CA ALA A 239 11.40 12.64 22.41
C ALA A 239 12.53 13.59 22.07
N LYS A 240 13.64 13.06 21.57
CA LYS A 240 14.79 13.88 21.21
C LYS A 240 14.44 14.92 20.15
N HIS A 241 13.56 14.52 19.24
CA HIS A 241 13.12 15.39 18.15
C HIS A 241 11.85 16.20 18.46
N ASN A 242 11.34 16.07 19.68
CA ASN A 242 10.07 16.73 20.05
CA ASN A 242 10.08 16.72 20.06
C ASN A 242 8.94 16.35 19.10
N LYS A 243 8.87 15.09 18.73
CA LYS A 243 7.82 14.55 17.86
C LYS A 243 7.20 13.34 18.54
N THR A 244 6.10 12.84 18.00
CA THR A 244 5.52 11.62 18.53
C THR A 244 6.19 10.39 17.91
N THR A 245 6.01 9.25 18.55
CA THR A 245 6.55 8.01 18.02
CA THR A 245 6.56 8.01 18.03
C THR A 245 6.00 7.72 16.63
N ALA A 246 4.69 7.95 16.44
CA ALA A 246 4.10 7.77 15.11
C ALA A 246 4.76 8.65 14.07
N GLN A 247 5.05 9.91 14.41
CA GLN A 247 5.72 10.80 13.48
C GLN A 247 7.11 10.30 13.08
N VAL A 248 7.86 9.75 14.04
CA VAL A 248 9.14 9.12 13.71
C VAL A 248 8.96 7.91 12.80
N LEU A 249 7.95 7.09 13.08
CA LEU A 249 7.69 5.90 12.28
C LEU A 249 7.27 6.24 10.85
N ILE A 250 6.68 7.41 10.65
CA ILE A 250 6.28 7.86 9.31
C ILE A 250 7.47 8.52 8.58
N ARG A 251 8.25 9.32 9.30
CA ARG A 251 9.40 9.99 8.70
C ARG A 251 10.48 8.98 8.27
N PHE A 252 10.62 7.89 9.03
CA PHE A 252 11.64 6.87 8.77
C PHE A 252 11.59 6.37 7.29
N PRO A 253 10.45 5.82 6.83
CA PRO A 253 10.44 5.37 5.43
C PRO A 253 10.61 6.53 4.44
N MET A 254 10.09 7.71 4.76
CA MET A 254 10.26 8.84 3.86
C MET A 254 11.73 9.09 3.54
N GLN A 255 12.59 8.99 4.56
CA GLN A 255 14.02 9.23 4.36
C GLN A 255 14.75 8.10 3.66
N ARG A 256 14.09 6.97 3.48
CA ARG A 256 14.60 5.85 2.69
C ARG A 256 14.12 5.91 1.23
N ASN A 257 13.52 7.04 0.86
CA ASN A 257 12.94 7.25 -0.47
CA ASN A 257 12.95 7.25 -0.48
C ASN A 257 11.74 6.36 -0.75
N LEU A 258 11.03 6.01 0.32
CA LEU A 258 9.80 5.25 0.22
C LEU A 258 8.60 6.20 0.31
N VAL A 259 7.49 5.72 -0.25
CA VAL A 259 6.16 6.27 0.00
C VAL A 259 5.62 5.56 1.25
N VAL A 260 4.80 6.24 2.05
CA VAL A 260 4.29 5.63 3.28
C VAL A 260 2.81 6.01 3.45
N ILE A 261 2.02 5.05 3.96
CA ILE A 261 0.56 5.17 3.96
C ILE A 261 -0.08 4.82 5.31
N PRO A 262 0.26 5.58 6.37
CA PRO A 262 -0.36 5.31 7.67
C PRO A 262 -1.88 5.45 7.62
N LYS A 263 -2.56 4.54 8.32
CA LYS A 263 -4.01 4.58 8.44
C LYS A 263 -4.44 5.20 9.76
N SER A 264 -5.43 6.09 9.70
CA SER A 264 -6.16 6.51 10.89
C SER A 264 -7.55 6.95 10.50
N VAL A 265 -8.49 6.76 11.43
CA VAL A 265 -9.80 7.40 11.36
C VAL A 265 -9.99 8.43 12.47
N THR A 266 -8.93 8.72 13.23
CA THR A 266 -9.00 9.70 14.30
C THR A 266 -8.55 11.05 13.77
N PRO A 267 -9.44 12.06 13.70
CA PRO A 267 -9.02 13.31 13.06
C PRO A 267 -7.72 13.93 13.61
N GLU A 268 -7.52 13.89 14.92
CA GLU A 268 -6.29 14.46 15.49
C GLU A 268 -5.04 13.71 15.02
N ARG A 269 -5.15 12.39 14.87
CA ARG A 269 -4.02 11.59 14.40
C ARG A 269 -3.78 11.76 12.91
N ILE A 270 -4.86 11.89 12.13
CA ILE A 270 -4.71 12.16 10.71
C ILE A 270 -3.86 13.43 10.52
N ALA A 271 -4.19 14.46 11.30
CA ALA A 271 -3.42 15.70 11.25
C ALA A 271 -1.98 15.52 11.75
N GLU A 272 -1.82 14.85 12.90
CA GLU A 272 -0.49 14.58 13.48
C GLU A 272 0.42 13.88 12.48
N ASN A 273 -0.14 12.88 11.81
CA ASN A 273 0.62 12.03 10.91
C ASN A 273 1.11 12.78 9.68
N PHE A 274 0.48 13.91 9.35
CA PHE A 274 0.89 14.70 8.20
C PHE A 274 2.01 15.69 8.54
N LYS A 275 2.24 15.93 9.84
CA LYS A 275 3.20 16.94 10.28
C LYS A 275 4.60 16.32 10.43
N VAL A 276 5.11 15.87 9.28
CA VAL A 276 6.34 15.11 9.21
C VAL A 276 7.29 15.65 8.16
N PHE A 277 7.02 16.84 7.64
CA PHE A 277 7.86 17.42 6.59
C PHE A 277 8.80 18.51 7.13
N ASP A 278 8.83 18.70 8.45
CA ASP A 278 9.60 19.80 9.03
C ASP A 278 10.63 19.36 10.08
N PHE A 279 11.01 18.10 10.05
CA PHE A 279 12.11 17.62 10.88
C PHE A 279 12.85 16.53 10.15
N GLU A 280 14.07 16.26 10.57
CA GLU A 280 14.90 15.25 9.93
C GLU A 280 15.52 14.31 10.96
N LEU A 281 15.42 13.02 10.69
CA LEU A 281 16.16 12.02 11.44
C LEU A 281 17.60 12.03 10.96
N SER A 282 18.56 11.91 11.89
CA SER A 282 19.96 11.83 11.49
C SER A 282 20.27 10.47 10.86
N SER A 283 21.41 10.38 10.21
CA SER A 283 21.86 9.09 9.69
C SER A 283 21.97 8.05 10.82
N GLN A 284 22.49 8.48 11.96
CA GLN A 284 22.59 7.62 13.14
C GLN A 284 21.20 7.17 13.61
N ASP A 285 20.22 8.08 13.63
CA ASP A 285 18.84 7.71 13.93
C ASP A 285 18.32 6.63 12.96
N MET A 286 18.59 6.85 11.68
CA MET A 286 18.12 5.93 10.64
C MET A 286 18.72 4.54 10.83
N THR A 287 20.04 4.49 11.03
CA THR A 287 20.71 3.22 11.23
C THR A 287 20.23 2.54 12.51
N THR A 288 20.01 3.33 13.55
CA THR A 288 19.49 2.81 14.79
C THR A 288 18.09 2.18 14.60
N LEU A 289 17.21 2.88 13.90
CA LEU A 289 15.90 2.32 13.61
C LEU A 289 15.99 1.05 12.77
N LEU A 290 16.88 1.05 11.77
CA LEU A 290 17.09 -0.15 10.97
C LEU A 290 17.54 -1.33 11.83
N SER A 291 18.26 -1.03 12.91
CA SER A 291 18.84 -2.09 13.74
C SER A 291 17.79 -2.88 14.49
N TYR A 292 16.55 -2.38 14.53
CA TYR A 292 15.48 -3.02 15.27
C TYR A 292 14.81 -4.16 14.49
N ASN A 293 15.28 -4.40 13.26
CA ASN A 293 14.69 -5.46 12.43
C ASN A 293 14.66 -6.79 13.17
N ARG A 294 13.52 -7.46 13.11
CA ARG A 294 13.40 -8.80 13.67
C ARG A 294 12.67 -9.73 12.70
N ASN A 295 12.49 -9.30 11.46
CA ASN A 295 11.74 -10.05 10.46
C ASN A 295 10.32 -10.42 10.94
N TRP A 296 9.67 -9.47 11.61
CA TRP A 296 8.31 -9.65 12.11
C TRP A 296 7.26 -9.08 11.14
N ARG A 297 6.35 -9.93 10.64
CA ARG A 297 5.29 -9.49 9.69
C ARG A 297 3.87 -9.37 10.25
N VAL A 298 3.25 -8.22 10.07
CA VAL A 298 1.83 -8.03 10.33
C VAL A 298 1.07 -8.96 9.41
N CYS A 299 1.48 -8.92 8.15
CA CYS A 299 0.62 -9.37 7.10
C CYS A 299 1.10 -10.64 6.48
N ALA A 300 0.46 -11.72 6.94
CA ALA A 300 0.74 -13.08 6.54
C ALA A 300 -0.54 -13.84 6.83
N LEU A 301 -0.72 -14.99 6.20
CA LEU A 301 -1.96 -15.72 6.40
C LEU A 301 -1.80 -17.22 6.14
N LEU A 302 -1.97 -18.00 7.21
CA LEU A 302 -1.75 -19.44 7.15
C LEU A 302 -2.56 -20.14 6.05
N SER A 303 -3.82 -19.76 5.88
CA SER A 303 -4.68 -20.42 4.91
C SER A 303 -4.17 -20.33 3.48
N CYS A 304 -3.32 -19.34 3.21
CA CYS A 304 -2.83 -19.10 1.86
C CYS A 304 -1.40 -19.60 1.61
N THR A 305 -0.75 -20.14 2.64
CA THR A 305 0.66 -20.49 2.56
C THR A 305 1.03 -21.60 1.58
N SER A 306 0.08 -22.46 1.19
CA SER A 306 0.41 -23.49 0.23
C SER A 306 0.14 -23.09 -1.22
N HIS A 307 -0.39 -21.89 -1.44
CA HIS A 307 -0.55 -21.42 -2.81
C HIS A 307 0.82 -21.37 -3.45
N LYS A 308 0.93 -21.81 -4.71
CA LYS A 308 2.22 -21.86 -5.38
C LYS A 308 2.95 -20.51 -5.40
N ASP A 309 2.18 -19.43 -5.42
CA ASP A 309 2.74 -18.09 -5.50
C ASP A 309 2.72 -17.33 -4.17
N TYR A 310 2.46 -18.01 -3.06
CA TYR A 310 2.52 -17.33 -1.76
C TYR A 310 3.91 -16.71 -1.60
N PRO A 311 3.99 -15.42 -1.23
CA PRO A 311 5.26 -14.73 -1.38
C PRO A 311 6.28 -14.90 -0.26
N PHE A 312 5.88 -15.39 0.90
CA PHE A 312 6.75 -15.31 2.06
C PHE A 312 7.52 -16.58 2.43
N HIS A 313 7.72 -17.47 1.46
CA HIS A 313 8.64 -18.59 1.67
C HIS A 313 10.08 -18.17 1.36
N GLU A 314 10.25 -17.39 0.28
CA GLU A 314 11.55 -16.85 -0.07
C GLU A 314 12.07 -15.93 1.02
N GLU A 315 13.39 -15.81 1.13
CA GLU A 315 14.00 -14.93 2.12
C GLU A 315 13.53 -13.51 1.89
N PHE A 316 13.64 -13.07 0.65
CA PHE A 316 13.16 -11.75 0.28
C PHE A 316 12.64 -11.78 -1.13
PA NAP B . -0.84 1.20 10.35
O1A NAP B . 0.55 0.71 10.63
O2A NAP B . -1.05 2.36 9.44
O5B NAP B . -1.53 1.40 11.77
C5B NAP B . -2.90 1.80 11.85
C4B NAP B . -3.26 1.84 13.33
O4B NAP B . -2.46 2.85 13.97
C3B NAP B . -4.71 2.18 13.64
O3B NAP B . -5.11 1.37 14.75
C2B NAP B . -4.65 3.65 14.02
O2B NAP B . -5.68 4.01 14.95
C1B NAP B . -3.29 3.76 14.69
N9A NAP B . -2.69 5.10 14.60
C8A NAP B . -2.62 5.85 13.48
N7A NAP B . -1.97 7.01 13.70
C5A NAP B . -1.63 6.97 15.01
C6A NAP B . -0.97 7.88 15.83
N6A NAP B . -0.53 9.07 15.36
N1A NAP B . -0.79 7.54 17.12
C2A NAP B . -1.22 6.36 17.60
N3A NAP B . -1.88 5.44 16.87
C4A NAP B . -2.07 5.76 15.57
O3 NAP B . -1.66 -0.10 9.82
PN NAP B . -2.32 -0.62 8.46
O1N NAP B . -3.71 -0.09 8.33
O2N NAP B . -2.10 -2.10 8.45
O5D NAP B . -1.38 -0.05 7.28
C5D NAP B . -1.62 1.19 6.64
C4D NAP B . -2.31 1.02 5.31
O4D NAP B . -1.49 0.28 4.39
C3D NAP B . -3.62 0.24 5.31
O3D NAP B . -4.71 0.93 5.90
C2D NAP B . -3.77 -0.07 3.84
O2D NAP B . -4.23 1.12 3.19
C1D NAP B . -2.31 -0.42 3.47
N1N NAP B . -2.01 -1.87 3.55
C2N NAP B . -1.85 -2.55 2.39
C3N NAP B . -1.60 -3.92 2.42
C7N NAP B . -1.33 -4.69 1.15
O7N NAP B . -1.37 -5.91 1.16
N7N NAP B . -1.00 -3.98 0.06
C4N NAP B . -1.54 -4.58 3.63
C5N NAP B . -1.69 -3.86 4.80
C6N NAP B . -1.91 -2.50 4.75
P2B NAP B . -6.99 4.88 14.56
O1X NAP B . -7.33 4.58 13.11
O2X NAP B . -7.99 4.36 15.59
O3X NAP B . -6.61 6.32 14.80
C1 1WW C . -3.82 -12.04 2.81
CL1 1WW C . -9.80 -6.71 3.86
C2 1WW C . -2.81 -11.91 3.76
C3 1WW C . -1.57 -12.49 3.50
C4 1WW C . -3.62 -12.75 1.63
C5 1WW C . -1.36 -13.21 2.33
C6 1WW C . -2.37 -13.33 1.39
I7 1WW C . -2.04 -14.26 -0.46
C8 1WW C . -3.00 -11.14 5.06
N9 1WW C . -4.10 -10.20 4.90
C10 1WW C . -5.34 -10.45 5.29
O11 1WW C . -5.62 -11.53 5.82
C12 1WW C . -6.15 -8.10 4.71
C13 1WW C . -6.40 -9.44 4.97
C14 1WW C . -7.70 -9.94 4.89
C15 1WW C . -7.20 -7.26 4.36
C16 1WW C . -8.75 -9.11 4.54
C17 1WW C . -8.48 -7.79 4.29
O19 1WW C . -4.87 -7.63 4.83
C20 1WW C . -4.53 -6.37 4.30
C21 1WW C . -4.41 -6.41 2.79
O22 1WW C . -4.34 -5.30 2.21
O23 1WW C . -4.35 -7.53 2.22
#